data_4M5T
#
_entry.id   4M5T
#
_cell.length_a   117.010
_cell.length_b   46.770
_cell.length_c   77.710
_cell.angle_alpha   90.00
_cell.angle_beta   117.71
_cell.angle_gamma   90.00
#
_symmetry.space_group_name_H-M   'C 1 2 1'
#
loop_
_entity.id
_entity.type
_entity.pdbx_description
1 polymer 'Alpha-crystallin B chain'
2 polymer 'Alpha-crystallin B chain'
3 non-polymer 'SULFATE ION'
4 water water
#
loop_
_entity_poly.entity_id
_entity_poly.type
_entity_poly.pdbx_seq_one_letter_code
_entity_poly.pdbx_strand_id
1 'polypeptide(L)'
;GMRLEKDRFSVNLDVKHFSPEELKVKVLGDVIEVHGKHEERQDEHGFISRCFHRKYRIPADVDPLTITSSLSSDGVLTVN
GPRKQVS
;
A,C,E,G
2 'polypeptide(L)' ERTIPITRE B,D,F,H
#
# COMPACT_ATOMS: atom_id res chain seq x y z
N GLY A 1 2.86 -3.97 -14.05
CA GLY A 1 3.65 -5.09 -14.54
C GLY A 1 4.31 -4.80 -15.89
N MET A 2 4.60 -5.85 -16.64
CA MET A 2 5.21 -5.71 -17.95
C MET A 2 4.15 -5.67 -19.06
N ARG A 3 4.28 -4.73 -19.98
CA ARG A 3 3.42 -4.68 -21.15
C ARG A 3 4.28 -4.66 -22.41
N LEU A 4 4.11 -5.67 -23.24
CA LEU A 4 4.74 -5.67 -24.56
C LEU A 4 3.76 -5.03 -25.52
N GLU A 5 4.28 -4.13 -26.32
CA GLU A 5 3.46 -3.53 -27.36
C GLU A 5 4.16 -3.76 -28.69
N LYS A 6 3.54 -3.27 -29.75
CA LYS A 6 4.02 -3.50 -31.11
C LYS A 6 5.39 -2.88 -31.35
N ASP A 7 5.61 -1.69 -30.80
CA ASP A 7 6.85 -0.99 -31.09
C ASP A 7 7.64 -0.63 -29.83
N ARG A 8 7.29 -1.26 -28.71
CA ARG A 8 7.97 -0.94 -27.47
C ARG A 8 7.57 -1.89 -26.37
N PHE A 9 8.24 -1.76 -25.24
CA PHE A 9 7.84 -2.45 -24.03
C PHE A 9 7.76 -1.40 -22.93
N SER A 10 6.96 -1.69 -21.91
CA SER A 10 7.00 -0.84 -20.74
C SER A 10 6.64 -1.62 -19.49
N VAL A 11 7.39 -1.36 -18.43
CA VAL A 11 7.18 -1.96 -17.13
C VAL A 11 6.75 -0.84 -16.20
N ASN A 12 5.67 -1.05 -15.45
CA ASN A 12 5.24 -0.03 -14.48
C ASN A 12 5.02 -0.72 -13.14
N LEU A 13 5.59 -0.14 -12.07
CA LEU A 13 5.67 -0.78 -10.77
C LEU A 13 5.31 0.24 -9.73
N ASP A 14 4.54 -0.15 -8.72
CA ASP A 14 4.35 0.73 -7.57
C ASP A 14 5.56 0.63 -6.65
N VAL A 15 6.22 1.75 -6.38
CA VAL A 15 7.36 1.75 -5.46
C VAL A 15 7.22 2.87 -4.41
N LYS A 16 6.00 3.16 -3.99
CA LYS A 16 5.76 4.35 -3.16
C LYS A 16 6.46 4.38 -1.80
N HIS A 17 6.93 3.23 -1.32
CA HIS A 17 7.63 3.18 -0.04
C HIS A 17 9.16 3.32 -0.15
N PHE A 18 9.65 3.67 -1.33
CA PHE A 18 11.09 3.76 -1.58
C PHE A 18 11.44 5.13 -2.17
N SER A 19 12.55 5.71 -1.70
CA SER A 19 13.06 6.95 -2.30
C SER A 19 13.94 6.55 -3.46
N PRO A 20 14.21 7.49 -4.38
CA PRO A 20 14.99 7.14 -5.57
C PRO A 20 16.34 6.47 -5.29
N GLU A 21 17.04 6.89 -4.23
CA GLU A 21 18.36 6.32 -3.91
C GLU A 21 18.26 4.88 -3.40
N GLU A 22 17.04 4.43 -3.13
CA GLU A 22 16.86 3.08 -2.63
C GLU A 22 16.47 2.12 -3.76
N LEU A 23 16.53 2.62 -5.00
CA LEU A 23 16.00 1.89 -6.15
C LEU A 23 17.08 1.74 -7.21
N LYS A 24 17.05 0.63 -7.94
CA LYS A 24 18.02 0.39 -8.98
C LYS A 24 17.37 -0.42 -10.08
N VAL A 25 17.62 -0.02 -11.33
CA VAL A 25 17.12 -0.71 -12.51
C VAL A 25 18.31 -1.08 -13.36
N LYS A 26 18.33 -2.33 -13.79
CA LYS A 26 19.46 -2.90 -14.52
C LYS A 26 18.94 -3.65 -15.73
N VAL A 27 19.66 -3.56 -16.85
CA VAL A 27 19.42 -4.42 -17.98
C VAL A 27 20.62 -5.34 -18.18
N LEU A 28 20.35 -6.64 -18.22
CA LEU A 28 21.37 -7.67 -18.43
C LEU A 28 20.88 -8.55 -19.55
N GLY A 29 21.42 -8.38 -20.75
CA GLY A 29 20.96 -9.14 -21.89
C GLY A 29 19.51 -8.82 -22.14
N ASP A 30 18.68 -9.85 -22.24
CA ASP A 30 17.24 -9.66 -22.45
C ASP A 30 16.46 -9.72 -21.13
N VAL A 31 17.10 -9.37 -20.03
CA VAL A 31 16.43 -9.37 -18.73
C VAL A 31 16.50 -7.99 -18.09
N ILE A 32 15.36 -7.48 -17.62
CA ILE A 32 15.33 -6.23 -16.89
C ILE A 32 15.19 -6.60 -15.43
N GLU A 33 16.03 -6.04 -14.57
CA GLU A 33 15.84 -6.23 -13.13
C GLU A 33 15.57 -4.92 -12.41
N VAL A 34 14.70 -4.96 -11.41
CA VAL A 34 14.41 -3.78 -10.59
C VAL A 34 14.56 -4.22 -9.14
N HIS A 35 15.31 -3.45 -8.36
CA HIS A 35 15.56 -3.77 -6.96
C HIS A 35 15.21 -2.55 -6.12
N GLY A 36 14.66 -2.79 -4.93
CA GLY A 36 14.44 -1.70 -4.00
C GLY A 36 14.87 -2.22 -2.65
N LYS A 37 15.55 -1.39 -1.86
CA LYS A 37 15.94 -1.79 -0.52
C LYS A 37 15.92 -0.58 0.38
N HIS A 38 15.28 -0.74 1.53
CA HIS A 38 15.18 0.30 2.53
C HIS A 38 15.48 -0.32 3.87
N GLU A 39 16.54 0.13 4.54
CA GLU A 39 16.85 -0.28 5.91
C GLU A 39 17.04 0.90 6.83
N GLU A 40 16.68 0.72 8.09
CA GLU A 40 16.97 1.70 9.12
C GLU A 40 17.05 1.06 10.51
N ARG A 41 18.00 1.56 11.30
CA ARG A 41 18.20 1.11 12.67
C ARG A 41 17.94 2.26 13.65
N GLY A 46 13.62 -1.91 16.99
CA GLY A 46 14.18 -0.72 16.39
C GLY A 46 14.95 -1.01 15.11
N PHE A 47 14.50 -2.01 14.35
CA PHE A 47 15.08 -2.32 13.05
C PHE A 47 13.97 -2.57 12.03
N ILE A 48 14.07 -1.90 10.89
CA ILE A 48 13.11 -2.03 9.80
C ILE A 48 13.89 -2.27 8.50
N SER A 49 13.47 -3.28 7.74
CA SER A 49 14.08 -3.63 6.47
C SER A 49 12.93 -3.96 5.54
N ARG A 50 12.93 -3.41 4.34
CA ARG A 50 11.99 -3.87 3.33
C ARG A 50 12.70 -3.88 2.01
N CYS A 51 12.39 -4.86 1.17
CA CYS A 51 13.03 -4.93 -0.11
C CYS A 51 12.13 -5.62 -1.10
N PHE A 52 12.43 -5.42 -2.38
CA PHE A 52 11.73 -6.16 -3.40
C PHE A 52 12.70 -6.38 -4.56
N HIS A 53 12.39 -7.39 -5.35
CA HIS A 53 13.17 -7.67 -6.55
CA HIS A 53 13.17 -7.70 -6.54
C HIS A 53 12.20 -8.16 -7.61
N ARG A 54 12.28 -7.57 -8.80
CA ARG A 54 11.45 -8.02 -9.92
C ARG A 54 12.37 -8.26 -11.10
N LYS A 55 12.05 -9.26 -11.91
CA LYS A 55 12.80 -9.53 -13.12
C LYS A 55 11.80 -9.76 -14.23
N TYR A 56 12.05 -9.20 -15.40
CA TYR A 56 11.21 -9.47 -16.55
C TYR A 56 12.12 -9.77 -17.73
N ARG A 57 11.63 -10.57 -18.67
CA ARG A 57 12.34 -10.88 -19.88
C ARG A 57 11.83 -9.92 -20.95
N ILE A 58 12.72 -9.35 -21.74
CA ILE A 58 12.28 -8.48 -22.82
C ILE A 58 12.60 -9.13 -24.15
N PRO A 59 11.88 -8.76 -25.22
CA PRO A 59 12.15 -9.34 -26.54
C PRO A 59 13.54 -8.98 -27.03
N ALA A 60 14.10 -9.84 -27.89
CA ALA A 60 15.47 -9.63 -28.35
C ALA A 60 15.64 -8.46 -29.33
N ASP A 61 14.55 -7.86 -29.81
CA ASP A 61 14.67 -6.73 -30.75
C ASP A 61 14.62 -5.36 -30.07
N VAL A 62 14.91 -5.35 -28.77
CA VAL A 62 15.02 -4.11 -28.00
C VAL A 62 16.49 -3.78 -27.83
N ASP A 63 16.91 -2.59 -28.27
CA ASP A 63 18.29 -2.17 -28.02
C ASP A 63 18.41 -1.72 -26.57
N PRO A 64 19.26 -2.37 -25.77
CA PRO A 64 19.36 -2.02 -24.35
C PRO A 64 19.77 -0.56 -24.09
N LEU A 65 20.47 0.05 -25.05
CA LEU A 65 20.95 1.44 -24.92
C LEU A 65 19.83 2.48 -24.97
N THR A 66 18.68 2.11 -25.52
CA THR A 66 17.60 3.06 -25.65
C THR A 66 16.59 2.90 -24.49
N ILE A 67 16.90 2.03 -23.54
CA ILE A 67 16.01 1.78 -22.41
C ILE A 67 16.12 2.89 -21.36
N THR A 68 14.98 3.42 -20.94
CA THR A 68 14.99 4.53 -19.99
C THR A 68 14.05 4.24 -18.82
N SER A 69 14.21 5.00 -17.74
CA SER A 69 13.38 4.78 -16.55
C SER A 69 13.13 6.10 -15.85
N SER A 70 11.94 6.23 -15.30
CA SER A 70 11.55 7.43 -14.58
C SER A 70 10.57 7.08 -13.47
N LEU A 71 10.53 7.95 -12.47
CA LEU A 71 9.80 7.69 -11.26
C LEU A 71 8.85 8.85 -11.07
N SER A 72 7.56 8.56 -11.04
CA SER A 72 6.59 9.65 -10.91
C SER A 72 6.47 10.07 -9.46
N SER A 73 5.95 11.27 -9.23
CA SER A 73 5.85 11.74 -7.87
C SER A 73 4.86 10.92 -7.04
N ASP A 74 3.99 10.15 -7.69
CA ASP A 74 3.05 9.30 -6.93
C ASP A 74 3.61 7.92 -6.62
N GLY A 75 4.90 7.74 -6.89
CA GLY A 75 5.59 6.50 -6.57
C GLY A 75 5.48 5.40 -7.60
N VAL A 76 5.19 5.76 -8.85
CA VAL A 76 5.16 4.77 -9.92
C VAL A 76 6.47 4.84 -10.71
N LEU A 77 7.16 3.70 -10.78
CA LEU A 77 8.39 3.60 -11.54
C LEU A 77 8.09 3.00 -12.90
N THR A 78 8.58 3.65 -13.96
CA THR A 78 8.38 3.13 -15.31
C THR A 78 9.74 2.75 -15.88
N VAL A 79 9.78 1.67 -16.62
CA VAL A 79 10.97 1.33 -17.39
C VAL A 79 10.47 1.01 -18.79
N ASN A 80 11.04 1.65 -19.80
CA ASN A 80 10.56 1.40 -21.16
C ASN A 80 11.63 1.55 -22.24
N GLY A 81 11.34 1.02 -23.41
CA GLY A 81 12.26 1.13 -24.53
C GLY A 81 11.61 0.77 -25.84
N PRO A 82 12.09 1.37 -26.93
CA PRO A 82 11.53 1.02 -28.24
C PRO A 82 12.03 -0.34 -28.67
N ARG A 83 11.29 -0.96 -29.57
CA ARG A 83 11.77 -2.11 -30.30
C ARG A 83 12.22 -1.59 -31.67
N LYS A 84 13.11 -2.32 -32.33
CA LYS A 84 13.55 -1.88 -33.67
C LYS A 84 12.36 -1.64 -34.59
N GLN A 85 12.39 -0.53 -35.34
CA GLN A 85 11.22 -0.13 -36.14
C GLN A 85 11.51 -0.05 -37.64
N VAL A 86 10.45 0.25 -38.38
CA VAL A 86 10.47 0.44 -39.84
C VAL A 86 11.25 -0.63 -40.59
N GLU B 1 25.75 -5.27 -18.81
CA GLU B 1 25.13 -4.84 -17.56
C GLU B 1 24.99 -3.33 -17.51
N ARG B 2 23.88 -2.83 -18.05
CA ARG B 2 23.61 -1.40 -18.09
C ARG B 2 22.78 -1.07 -16.86
N THR B 3 23.32 -0.21 -15.99
CA THR B 3 22.50 0.32 -14.91
C THR B 3 21.76 1.46 -15.52
N ILE B 4 20.45 1.52 -15.32
CA ILE B 4 19.72 2.57 -16.01
C ILE B 4 19.32 3.71 -15.04
N PRO B 5 19.69 4.96 -15.39
CA PRO B 5 19.41 6.10 -14.51
C PRO B 5 17.90 6.28 -14.36
N ILE B 6 17.43 6.30 -13.12
CA ILE B 6 16.02 6.53 -12.86
C ILE B 6 15.82 8.04 -12.75
N THR B 7 15.12 8.64 -13.71
CA THR B 7 14.99 10.09 -13.70
C THR B 7 13.69 10.56 -13.03
N ARG B 8 13.56 11.87 -12.82
CA ARG B 8 12.33 12.44 -12.28
C ARG B 8 11.27 12.41 -13.37
N GLU B 9 10.01 12.28 -12.98
CA GLU B 9 8.91 12.33 -13.92
C GLU B 9 7.75 13.16 -13.39
N GLY C 1 3.66 0.03 14.92
CA GLY C 1 4.95 -0.28 15.51
C GLY C 1 4.79 -0.91 16.88
N MET C 2 5.72 -0.59 17.78
CA MET C 2 5.74 -1.11 19.14
C MET C 2 5.16 -0.12 20.15
N ARG C 3 4.25 -0.57 21.01
CA ARG C 3 3.76 0.28 22.08
C ARG C 3 3.99 -0.43 23.40
N LEU C 4 4.67 0.25 24.33
CA LEU C 4 4.76 -0.23 25.69
C LEU C 4 3.60 0.35 26.47
N GLU C 5 2.94 -0.49 27.24
CA GLU C 5 1.78 -0.03 27.97
C GLU C 5 2.03 -0.42 29.40
N LYS C 6 1.10 -0.07 30.27
CA LYS C 6 1.27 -0.31 31.70
C LYS C 6 1.36 -1.78 32.04
N ASP C 7 0.51 -2.59 31.44
CA ASP C 7 0.47 -4.00 31.80
C ASP C 7 0.80 -4.94 30.64
N ARG C 8 1.35 -4.39 29.57
CA ARG C 8 1.57 -5.19 28.38
C ARG C 8 2.39 -4.42 27.37
N PHE C 9 2.81 -5.11 26.32
CA PHE C 9 3.37 -4.43 25.16
C PHE C 9 2.53 -4.91 23.99
N SER C 10 2.54 -4.13 22.90
CA SER C 10 1.76 -4.49 21.73
C SER C 10 2.51 -4.01 20.50
N VAL C 11 2.74 -4.92 19.57
CA VAL C 11 3.30 -4.57 18.27
C VAL C 11 2.20 -4.67 17.23
N ASN C 12 1.96 -3.61 16.45
CA ASN C 12 0.95 -3.70 15.37
C ASN C 12 1.57 -3.25 14.06
N LEU C 13 1.44 -4.08 13.03
CA LEU C 13 2.10 -3.86 11.74
C LEU C 13 1.13 -4.09 10.61
N ASP C 14 1.22 -3.29 9.56
CA ASP C 14 0.46 -3.55 8.35
C ASP C 14 1.17 -4.63 7.52
N VAL C 15 0.50 -5.73 7.24
CA VAL C 15 1.09 -6.79 6.42
C VAL C 15 0.12 -7.25 5.31
N LYS C 16 -0.69 -6.33 4.83
CA LYS C 16 -1.75 -6.65 3.87
C LYS C 16 -1.27 -7.24 2.53
N HIS C 17 0.00 -7.08 2.19
CA HIS C 17 0.51 -7.69 0.95
C HIS C 17 1.03 -9.13 1.15
N PHE C 18 0.83 -9.67 2.35
CA PHE C 18 1.31 -11.00 2.66
C PHE C 18 0.19 -11.94 3.15
N SER C 19 0.25 -13.19 2.72
CA SER C 19 -0.68 -14.19 3.20
C SER C 19 -0.14 -14.71 4.52
N PRO C 20 -1.00 -15.30 5.35
CA PRO C 20 -0.54 -15.75 6.67
C PRO C 20 0.62 -16.72 6.59
N GLU C 21 0.60 -17.61 5.59
CA GLU C 21 1.66 -18.60 5.39
C GLU C 21 3.00 -17.96 5.04
N GLU C 22 2.97 -16.72 4.57
CA GLU C 22 4.17 -16.00 4.17
C GLU C 22 4.74 -15.14 5.30
N LEU C 23 4.16 -15.26 6.51
CA LEU C 23 4.58 -14.44 7.66
C LEU C 23 5.25 -15.32 8.69
N LYS C 24 6.26 -14.78 9.34
CA LYS C 24 6.87 -15.50 10.45
C LYS C 24 7.13 -14.53 11.60
N VAL C 25 6.70 -14.94 12.79
CA VAL C 25 6.96 -14.18 14.00
C VAL C 25 7.85 -15.05 14.87
N LYS C 26 9.04 -14.56 15.17
CA LYS C 26 9.97 -15.31 15.98
C LYS C 26 10.16 -14.62 17.30
N VAL C 27 10.10 -15.39 18.38
CA VAL C 27 10.42 -14.82 19.69
C VAL C 27 11.56 -15.65 20.25
N LEU C 28 12.70 -15.00 20.40
CA LEU C 28 13.90 -15.63 20.91
C LEU C 28 14.42 -14.77 22.02
N GLY C 29 14.22 -15.20 23.25
CA GLY C 29 14.66 -14.43 24.40
C GLY C 29 13.93 -13.12 24.47
N ASP C 30 14.68 -12.02 24.52
CA ASP C 30 14.07 -10.70 24.64
C ASP C 30 13.91 -10.00 23.29
N VAL C 31 14.04 -10.74 22.20
CA VAL C 31 13.87 -10.14 20.87
C VAL C 31 12.66 -10.74 20.14
N ILE C 32 11.86 -9.87 19.53
CA ILE C 32 10.80 -10.32 18.63
C ILE C 32 11.20 -9.90 17.22
N GLU C 33 11.07 -10.82 16.27
CA GLU C 33 11.29 -10.45 14.88
C GLU C 33 10.06 -10.83 14.09
N VAL C 34 9.70 -9.99 13.13
CA VAL C 34 8.61 -10.33 12.23
C VAL C 34 9.18 -10.32 10.82
N HIS C 35 8.96 -11.39 10.07
CA HIS C 35 9.44 -11.46 8.69
C HIS C 35 8.28 -11.82 7.79
N GLY C 36 8.29 -11.25 6.60
CA GLY C 36 7.35 -11.65 5.57
C GLY C 36 8.17 -11.84 4.30
N LYS C 37 7.87 -12.88 3.54
CA LYS C 37 8.52 -13.09 2.26
C LYS C 37 7.49 -13.63 1.28
N HIS C 38 7.38 -12.99 0.12
CA HIS C 38 6.51 -13.46 -0.94
C HIS C 38 7.35 -13.60 -2.20
N GLU C 39 7.42 -14.82 -2.73
CA GLU C 39 8.13 -15.08 -3.98
C GLU C 39 7.19 -15.77 -4.96
N GLU C 40 7.32 -15.43 -6.23
CA GLU C 40 6.60 -16.14 -7.27
C GLU C 40 7.30 -16.01 -8.62
N ARG C 41 7.28 -17.11 -9.37
CA ARG C 41 7.82 -17.16 -10.72
C ARG C 41 6.68 -17.07 -11.72
N GLN C 42 6.32 -15.84 -12.08
CA GLN C 42 5.14 -15.56 -12.91
C GLN C 42 5.27 -16.01 -14.38
N GLU C 44 5.26 -15.42 -17.61
CA GLU C 44 6.21 -16.21 -18.37
C GLU C 44 7.63 -15.78 -18.02
N HIS C 45 7.86 -14.48 -18.09
CA HIS C 45 9.12 -13.87 -17.71
C HIS C 45 9.23 -13.72 -16.20
N GLY C 46 8.11 -13.30 -15.61
CA GLY C 46 8.05 -12.77 -14.26
C GLY C 46 8.73 -13.54 -13.15
N PHE C 47 9.55 -12.84 -12.40
CA PHE C 47 9.95 -13.25 -11.07
C PHE C 47 9.72 -12.05 -10.18
N ILE C 48 9.10 -12.27 -9.05
CA ILE C 48 8.79 -11.22 -8.10
C ILE C 48 9.14 -11.74 -6.73
N SER C 49 9.77 -10.88 -5.94
CA SER C 49 10.13 -11.20 -4.59
C SER C 49 9.91 -9.92 -3.80
N ARG C 50 9.42 -10.05 -2.57
CA ARG C 50 9.37 -8.90 -1.70
C ARG C 50 9.38 -9.41 -0.30
N CYS C 51 10.04 -8.66 0.56
CA CYS C 51 10.30 -9.14 1.89
C CYS C 51 10.27 -7.99 2.85
N PHE C 52 10.01 -8.25 4.11
CA PHE C 52 10.22 -7.22 5.11
C PHE C 52 10.73 -7.91 6.36
N HIS C 53 11.40 -7.14 7.20
CA HIS C 53 11.93 -7.64 8.45
C HIS C 53 11.79 -6.51 9.44
N ARG C 54 11.28 -6.81 10.64
CA ARG C 54 11.25 -5.86 11.76
C ARG C 54 11.73 -6.59 13.00
N LYS C 55 12.45 -5.90 13.86
CA LYS C 55 12.92 -6.49 15.11
C LYS C 55 12.66 -5.48 16.20
N TYR C 56 12.21 -5.97 17.35
CA TYR C 56 11.97 -5.11 18.51
C TYR C 56 12.49 -5.84 19.73
N ARG C 57 12.90 -5.06 20.73
CA ARG C 57 13.32 -5.65 21.99
C ARG C 57 12.13 -5.72 22.96
N ILE C 58 12.01 -6.84 23.66
CA ILE C 58 10.92 -7.07 24.61
C ILE C 58 11.37 -6.57 25.99
N PRO C 59 10.49 -5.86 26.71
CA PRO C 59 10.76 -5.47 28.10
C PRO C 59 11.09 -6.67 28.99
N ALA C 60 11.95 -6.47 29.98
CA ALA C 60 12.43 -7.57 30.81
C ALA C 60 11.36 -8.22 31.68
N ASP C 61 10.24 -7.56 31.92
CA ASP C 61 9.23 -8.14 32.79
C ASP C 61 8.11 -8.86 32.02
N VAL C 62 8.40 -9.17 30.75
CA VAL C 62 7.53 -10.00 29.94
C VAL C 62 8.15 -11.38 29.77
N ASP C 63 7.43 -12.42 30.18
CA ASP C 63 7.86 -13.78 29.94
C ASP C 63 7.61 -14.04 28.47
N PRO C 64 8.70 -14.20 27.68
CA PRO C 64 8.59 -14.37 26.22
C PRO C 64 7.65 -15.52 25.84
N LEU C 65 7.52 -16.52 26.70
CA LEU C 65 6.64 -17.66 26.41
C LEU C 65 5.14 -17.28 26.44
N THR C 66 4.81 -16.12 26.98
CA THR C 66 3.42 -15.68 27.07
C THR C 66 3.03 -14.79 25.87
N ILE C 67 3.98 -14.59 24.97
CA ILE C 67 3.74 -13.73 23.81
C ILE C 67 2.92 -14.48 22.77
N THR C 68 1.87 -13.84 22.25
CA THR C 68 1.04 -14.44 21.19
C THR C 68 0.80 -13.46 20.05
N SER C 69 0.17 -13.95 19.00
CA SER C 69 0.05 -13.15 17.79
C SER C 69 -1.22 -13.51 17.04
N SER C 70 -1.77 -12.49 16.38
CA SER C 70 -2.95 -12.69 15.54
C SER C 70 -2.99 -11.68 14.38
N LEU C 71 -3.75 -12.05 13.36
CA LEU C 71 -3.76 -11.33 12.12
C LEU C 71 -5.21 -10.99 11.82
N SER C 72 -5.50 -9.71 11.66
CA SER C 72 -6.87 -9.29 11.45
C SER C 72 -7.22 -9.39 9.96
N SER C 73 -8.51 -9.51 9.66
CA SER C 73 -8.91 -9.64 8.26
C SER C 73 -8.52 -8.43 7.42
N ASP C 74 -8.29 -7.27 8.04
CA ASP C 74 -7.82 -6.11 7.28
C ASP C 74 -6.31 -6.08 7.11
N GLY C 75 -5.65 -7.15 7.55
CA GLY C 75 -4.22 -7.32 7.31
C GLY C 75 -3.32 -6.61 8.30
N VAL C 76 -3.82 -6.43 9.53
CA VAL C 76 -3.00 -5.89 10.61
C VAL C 76 -2.55 -7.04 11.49
N LEU C 77 -1.24 -7.19 11.64
CA LEU C 77 -0.66 -8.22 12.47
C LEU C 77 -0.38 -7.65 13.84
N THR C 78 -0.86 -8.32 14.87
CA THR C 78 -0.59 -7.91 16.22
C THR C 78 0.25 -8.98 16.92
N VAL C 79 1.21 -8.53 17.72
CA VAL C 79 1.97 -9.41 18.58
C VAL C 79 1.94 -8.76 19.93
N ASN C 80 1.47 -9.48 20.94
CA ASN C 80 1.48 -8.89 22.27
C ASN C 80 1.77 -9.86 23.40
N GLY C 81 2.03 -9.29 24.58
CA GLY C 81 2.34 -10.09 25.74
C GLY C 81 2.13 -9.29 27.01
N PRO C 82 1.65 -9.95 28.07
CA PRO C 82 1.41 -9.25 29.32
C PRO C 82 2.75 -9.00 29.98
N ARG C 83 2.83 -7.96 30.80
CA ARG C 83 3.92 -7.81 31.75
C ARG C 83 3.48 -8.42 33.07
N LYS C 84 4.45 -8.85 33.88
CA LYS C 84 4.11 -9.45 35.19
C LYS C 84 3.26 -8.47 36.00
N GLN C 85 2.17 -8.96 36.57
CA GLN C 85 1.21 -8.10 37.25
C GLN C 85 1.11 -8.41 38.73
N VAL C 86 0.64 -7.44 39.49
CA VAL C 86 0.65 -7.51 40.94
C VAL C 86 -0.51 -8.35 41.46
N GLU D 1 -10.22 -12.44 13.39
CA GLU D 1 -8.80 -12.60 13.61
C GLU D 1 -8.37 -14.07 13.45
N ARG D 2 -7.21 -14.27 12.81
CA ARG D 2 -6.61 -15.59 12.75
C ARG D 2 -5.40 -15.62 13.67
N THR D 3 -5.21 -16.72 14.39
CA THR D 3 -4.03 -16.90 15.24
C THR D 3 -2.79 -17.13 14.40
N ILE D 4 -1.70 -16.44 14.70
CA ILE D 4 -0.45 -16.63 13.98
C ILE D 4 0.56 -17.37 14.87
N PRO D 5 1.04 -18.54 14.41
CA PRO D 5 1.90 -19.33 15.30
C PRO D 5 3.26 -18.64 15.50
N ILE D 6 3.83 -18.76 16.68
CA ILE D 6 5.12 -18.14 16.95
C ILE D 6 6.27 -19.14 16.87
N THR D 7 7.29 -18.79 16.11
CA THR D 7 8.48 -19.59 15.94
C THR D 7 9.41 -19.27 17.10
N ARG D 8 9.80 -20.28 17.86
CA ARG D 8 10.64 -20.04 19.03
C ARG D 8 11.94 -20.83 18.97
N GLU D 9 12.40 -21.09 17.75
CA GLU D 9 13.68 -21.77 17.50
C GLU D 9 14.35 -21.15 16.27
N GLY E 1 1.95 8.04 -12.62
CA GLY E 1 1.04 9.15 -12.89
C GLY E 1 0.82 9.29 -14.38
N MET E 2 0.91 10.51 -14.89
CA MET E 2 0.74 10.69 -16.32
C MET E 2 2.06 10.96 -17.04
N ARG E 3 2.19 10.38 -18.22
CA ARG E 3 3.36 10.59 -19.05
C ARG E 3 2.90 11.06 -20.39
N LEU E 4 3.50 12.15 -20.88
CA LEU E 4 3.33 12.55 -22.27
C LEU E 4 4.55 12.06 -23.02
N GLU E 5 4.34 11.26 -24.06
CA GLU E 5 5.43 10.85 -24.92
C GLU E 5 5.14 11.38 -26.31
N LYS E 6 6.09 11.21 -27.22
CA LYS E 6 5.95 11.78 -28.56
C LYS E 6 4.69 11.30 -29.28
N ASP E 7 4.41 10.01 -29.21
CA ASP E 7 3.30 9.47 -29.97
C ASP E 7 2.13 8.99 -29.11
N ARG E 8 2.19 9.25 -27.81
CA ARG E 8 1.17 8.71 -26.92
C ARG E 8 1.09 9.46 -25.60
N PHE E 9 -0.10 9.42 -25.02
CA PHE E 9 -0.36 9.96 -23.68
C PHE E 9 -0.61 8.71 -22.85
N SER E 10 -0.09 8.65 -21.63
CA SER E 10 -0.42 7.50 -20.78
C SER E 10 -0.60 7.87 -19.32
N VAL E 11 -1.48 7.12 -18.66
CA VAL E 11 -1.67 7.24 -17.23
C VAL E 11 -1.50 5.86 -16.59
N ASN E 12 -0.62 5.76 -15.60
CA ASN E 12 -0.47 4.50 -14.89
C ASN E 12 -0.73 4.73 -13.39
N LEU E 13 -1.54 3.87 -12.78
CA LEU E 13 -1.94 4.06 -11.38
C LEU E 13 -1.89 2.73 -10.63
N ASP E 14 -1.40 2.77 -9.40
CA ASP E 14 -1.43 1.58 -8.56
C ASP E 14 -2.82 1.43 -7.95
N VAL E 15 -3.52 0.36 -8.32
CA VAL E 15 -4.89 0.12 -7.83
C VAL E 15 -5.01 -1.26 -7.19
N LYS E 16 -3.93 -1.73 -6.59
CA LYS E 16 -3.83 -3.11 -6.13
C LYS E 16 -4.83 -3.51 -5.03
N HIS E 17 -5.36 -2.55 -4.30
CA HIS E 17 -6.35 -2.90 -3.28
C HIS E 17 -7.79 -2.93 -3.80
N PHE E 18 -7.95 -2.79 -5.11
CA PHE E 18 -9.28 -2.80 -5.72
C PHE E 18 -9.39 -3.92 -6.72
N SER E 19 -10.52 -4.61 -6.71
CA SER E 19 -10.79 -5.61 -7.72
C SER E 19 -11.23 -4.88 -8.98
N PRO E 20 -11.14 -5.55 -10.15
CA PRO E 20 -11.57 -4.90 -11.38
C PRO E 20 -13.03 -4.41 -11.33
N GLU E 21 -13.88 -5.11 -10.58
CA GLU E 21 -15.28 -4.71 -10.42
C GLU E 21 -15.44 -3.35 -9.72
N GLU E 22 -14.48 -3.01 -8.88
CA GLU E 22 -14.54 -1.81 -8.07
C GLU E 22 -13.91 -0.59 -8.75
N LEU E 23 -13.46 -0.78 -9.99
CA LEU E 23 -12.81 0.29 -10.72
C LEU E 23 -13.70 0.85 -11.80
N LYS E 24 -13.74 2.16 -11.95
CA LYS E 24 -14.43 2.75 -13.10
C LYS E 24 -13.53 3.74 -13.79
N VAL E 25 -13.44 3.63 -15.11
CA VAL E 25 -12.69 4.59 -15.92
C VAL E 25 -13.67 5.27 -16.86
N LYS E 26 -13.74 6.60 -16.76
CA LYS E 26 -14.68 7.35 -17.58
C LYS E 26 -13.89 8.27 -18.47
N VAL E 27 -14.30 8.33 -19.74
CA VAL E 27 -13.79 9.34 -20.64
C VAL E 27 -14.99 10.17 -21.09
N LEU E 28 -15.02 11.41 -20.66
CA LEU E 28 -16.11 12.34 -20.94
C LEU E 28 -15.52 13.56 -21.62
N GLY E 29 -15.83 13.75 -22.91
CA GLY E 29 -15.16 14.78 -23.68
C GLY E 29 -13.67 14.54 -23.59
N ASP E 30 -12.91 15.55 -23.19
CA ASP E 30 -11.46 15.40 -23.07
C ASP E 30 -11.00 15.19 -21.63
N VAL E 31 -11.87 14.66 -20.79
CA VAL E 31 -11.51 14.38 -19.40
C VAL E 31 -11.49 12.88 -19.13
N ILE E 32 -10.41 12.41 -18.53
CA ILE E 32 -10.35 11.05 -18.07
C ILE E 32 -10.67 11.07 -16.59
N GLU E 33 -11.63 10.26 -16.17
CA GLU E 33 -11.87 10.12 -14.74
C GLU E 33 -11.66 8.68 -14.33
N VAL E 34 -10.90 8.47 -13.25
CA VAL E 34 -10.69 7.14 -12.72
C VAL E 34 -11.21 7.12 -11.27
N HIS E 35 -12.07 6.17 -10.95
CA HIS E 35 -12.63 6.03 -9.60
C HIS E 35 -12.51 4.60 -9.15
N GLY E 36 -12.13 4.43 -7.89
CA GLY E 36 -12.16 3.12 -7.28
C GLY E 36 -12.97 3.24 -5.99
N LYS E 37 -13.80 2.25 -5.72
CA LYS E 37 -14.57 2.24 -4.48
C LYS E 37 -14.67 0.83 -3.94
N HIS E 38 -14.25 0.65 -2.69
CA HIS E 38 -14.39 -0.62 -2.01
C HIS E 38 -15.15 -0.42 -0.71
N GLU E 39 -16.18 -1.25 -0.48
CA GLU E 39 -16.91 -1.27 0.78
C GLU E 39 -17.09 -2.71 1.27
N GLU E 40 -16.78 -2.96 2.55
CA GLU E 40 -16.87 -4.33 3.10
C GLU E 40 -17.01 -4.36 4.62
N ARG E 41 -17.29 -5.56 5.14
CA ARG E 41 -17.25 -5.82 6.57
C ARG E 41 -16.17 -6.84 6.93
N GLN E 42 -15.49 -6.62 8.05
CA GLN E 42 -14.47 -7.53 8.52
C GLN E 42 -15.09 -8.83 9.06
N ASP E 43 -14.24 -9.78 9.46
CA ASP E 43 -14.70 -11.09 9.90
C ASP E 43 -15.48 -10.98 11.21
N GLU E 44 -14.97 -10.18 12.14
CA GLU E 44 -15.57 -10.08 13.48
C GLU E 44 -16.17 -8.72 13.81
N HIS E 45 -15.41 -7.65 13.58
CA HIS E 45 -15.87 -6.31 13.94
C HIS E 45 -15.59 -5.27 12.85
N GLY E 46 -16.62 -4.52 12.48
CA GLY E 46 -16.44 -3.29 11.71
C GLY E 46 -16.99 -3.17 10.30
N PHE E 47 -16.97 -1.93 9.81
CA PHE E 47 -17.31 -1.59 8.43
C PHE E 47 -16.21 -0.72 7.81
N ILE E 48 -15.84 -1.03 6.58
CA ILE E 48 -14.74 -0.34 5.91
C ILE E 48 -15.15 0.23 4.55
N SER E 49 -14.73 1.45 4.30
CA SER E 49 -14.88 2.06 2.99
C SER E 49 -13.52 2.60 2.58
N ARG E 50 -13.19 2.47 1.31
CA ARG E 50 -11.99 3.10 0.81
C ARG E 50 -12.22 3.48 -0.61
N CYS E 51 -11.69 4.61 -0.99
CA CYS E 51 -11.91 5.04 -2.35
C CYS E 51 -10.83 5.98 -2.86
N PHE E 52 -10.78 6.14 -4.16
CA PHE E 52 -9.94 7.17 -4.75
C PHE E 52 -10.63 7.70 -5.97
N HIS E 53 -10.26 8.92 -6.33
CA HIS E 53 -10.71 9.56 -7.55
C HIS E 53 -9.51 10.30 -8.17
N ARG E 54 -9.35 10.15 -9.47
CA ARG E 54 -8.33 10.91 -10.20
C ARG E 54 -9.01 11.46 -11.44
N LYS E 55 -8.62 12.68 -11.80
CA LYS E 55 -9.17 13.34 -12.97
C LYS E 55 -8.01 13.89 -13.76
N TYR E 56 -8.01 13.66 -15.07
CA TYR E 56 -6.96 14.19 -15.92
C TYR E 56 -7.56 14.78 -17.16
N ARG E 57 -6.97 15.87 -17.65
CA ARG E 57 -7.36 16.42 -18.94
C ARG E 57 -6.43 15.95 -20.05
N ILE E 58 -7.04 15.48 -21.13
CA ILE E 58 -6.35 14.91 -22.27
C ILE E 58 -5.71 16.01 -23.15
N PRO E 59 -4.53 15.75 -23.74
CA PRO E 59 -3.95 16.70 -24.69
C PRO E 59 -4.86 16.96 -25.91
N ALA E 60 -4.76 18.15 -26.49
CA ALA E 60 -5.51 18.51 -27.70
C ALA E 60 -5.26 17.58 -28.89
N ASP E 61 -4.06 17.00 -28.97
CA ASP E 61 -3.78 16.15 -30.12
C ASP E 61 -4.14 14.68 -29.91
N VAL E 62 -4.83 14.37 -28.81
CA VAL E 62 -5.40 13.03 -28.61
C VAL E 62 -6.92 13.00 -28.87
N ASP E 63 -7.36 12.09 -29.74
CA ASP E 63 -8.79 11.85 -29.94
C ASP E 63 -9.32 11.02 -28.76
N PRO E 64 -10.21 11.59 -27.96
CA PRO E 64 -10.67 10.92 -26.73
C PRO E 64 -11.30 9.55 -27.01
N LEU E 65 -11.89 9.35 -28.18
CA LEU E 65 -12.46 8.04 -28.50
C LEU E 65 -11.41 6.92 -28.72
N THR E 66 -10.15 7.31 -28.91
CA THR E 66 -9.08 6.31 -29.14
C THR E 66 -8.46 5.84 -27.84
N ILE E 67 -8.91 6.40 -26.74
CA ILE E 67 -8.34 6.08 -25.44
C ILE E 67 -8.78 4.69 -24.97
N THR E 68 -7.82 3.88 -24.51
CA THR E 68 -8.18 2.60 -23.94
C THR E 68 -7.52 2.38 -22.61
N SER E 69 -7.95 1.32 -21.92
CA SER E 69 -7.45 1.00 -20.59
C SER E 69 -7.24 -0.51 -20.37
N SER E 70 -6.24 -0.85 -19.56
CA SER E 70 -6.05 -2.23 -19.17
C SER E 70 -5.51 -2.31 -17.75
N LEU E 71 -5.70 -3.46 -17.13
CA LEU E 71 -5.26 -3.65 -15.76
C LEU E 71 -4.31 -4.85 -15.73
N SER E 72 -3.15 -4.69 -15.09
CA SER E 72 -2.16 -5.77 -15.06
C SER E 72 -2.42 -6.66 -13.82
N SER E 73 -1.80 -7.83 -13.78
CA SER E 73 -2.04 -8.79 -12.70
C SER E 73 -1.48 -8.31 -11.36
N ASP E 74 -0.51 -7.40 -11.39
CA ASP E 74 0.03 -6.83 -10.15
C ASP E 74 -0.71 -5.56 -9.74
N GLY E 75 -1.84 -5.30 -10.39
CA GLY E 75 -2.71 -4.20 -10.02
C GLY E 75 -2.24 -2.81 -10.41
N VAL E 76 -1.60 -2.69 -11.56
CA VAL E 76 -1.33 -1.37 -12.12
C VAL E 76 -2.32 -1.13 -13.25
N LEU E 77 -3.06 -0.03 -13.15
CA LEU E 77 -4.07 0.31 -14.15
C LEU E 77 -3.45 1.28 -15.12
N THR E 78 -3.55 0.99 -16.41
CA THR E 78 -3.00 1.87 -17.41
C THR E 78 -4.14 2.43 -18.25
N VAL E 79 -4.13 3.73 -18.48
CA VAL E 79 -5.05 4.33 -19.44
C VAL E 79 -4.19 5.02 -20.49
N ASN E 80 -4.43 4.73 -21.76
CA ASN E 80 -3.60 5.38 -22.75
C ASN E 80 -4.29 5.71 -24.05
N GLY E 81 -3.67 6.62 -24.80
CA GLY E 81 -4.17 6.99 -26.10
C GLY E 81 -3.08 7.52 -27.00
N PRO E 82 -3.18 7.22 -28.29
CA PRO E 82 -2.26 7.73 -29.32
C PRO E 82 -2.41 9.24 -29.54
N ARG E 83 -1.29 9.89 -29.83
CA ARG E 83 -1.29 11.30 -30.19
C ARG E 83 -1.20 11.40 -31.69
N LYS E 84 -1.88 12.39 -32.25
CA LYS E 84 -1.78 12.66 -33.67
C LYS E 84 -0.35 13.12 -33.99
N GLN E 85 0.24 12.58 -35.04
CA GLN E 85 1.64 12.90 -35.36
C GLN E 85 1.74 13.92 -36.47
N GLU F 1 -2.70 -9.28 -18.42
CA GLU F 1 -3.45 -8.04 -18.41
C GLU F 1 -4.90 -8.25 -18.84
N ARG F 2 -5.83 -7.53 -18.22
CA ARG F 2 -7.20 -7.53 -18.71
C ARG F 2 -7.68 -6.16 -19.20
N THR F 3 -8.48 -6.16 -20.25
CA THR F 3 -9.04 -4.92 -20.79
C THR F 3 -10.06 -4.35 -19.82
N ILE F 4 -9.91 -3.07 -19.49
CA ILE F 4 -10.85 -2.38 -18.62
C ILE F 4 -11.81 -1.59 -19.51
N PRO F 5 -13.11 -1.83 -19.39
CA PRO F 5 -14.05 -1.15 -20.29
C PRO F 5 -14.13 0.31 -19.91
N ILE F 6 -14.24 1.20 -20.88
CA ILE F 6 -14.32 2.61 -20.54
C ILE F 6 -15.77 3.08 -20.62
N THR F 7 -16.19 3.81 -19.60
CA THR F 7 -17.51 4.41 -19.64
C THR F 7 -17.43 5.72 -20.40
N ARG F 8 -18.12 5.78 -21.54
CA ARG F 8 -18.02 6.95 -22.39
C ARG F 8 -19.30 7.77 -22.46
N GLU F 9 -19.15 9.07 -22.26
CA GLU F 9 -20.23 10.03 -22.44
C GLU F 9 -19.62 11.26 -23.12
N GLY G 1 -7.39 -4.10 12.62
CA GLY G 1 -8.76 -3.66 12.73
C GLY G 1 -9.11 -3.43 14.19
N MET G 2 -10.27 -3.94 14.60
CA MET G 2 -10.76 -3.83 15.96
C MET G 2 -10.52 -5.10 16.77
N ARG G 3 -9.95 -4.95 17.97
CA ARG G 3 -9.85 -6.08 18.87
C ARG G 3 -10.60 -5.75 20.15
N LEU G 4 -11.51 -6.64 20.54
CA LEU G 4 -12.11 -6.58 21.86
C LEU G 4 -11.23 -7.38 22.76
N GLU G 5 -10.93 -6.85 23.94
CA GLU G 5 -10.19 -7.61 24.90
C GLU G 5 -10.98 -7.62 26.19
N LYS G 6 -10.46 -8.30 27.19
CA LYS G 6 -11.17 -8.43 28.46
C LYS G 6 -11.34 -7.08 29.14
N ASP G 7 -10.30 -6.24 29.06
CA ASP G 7 -10.25 -5.03 29.86
C ASP G 7 -10.22 -3.77 29.00
N ARG G 8 -10.36 -3.92 27.69
CA ARG G 8 -10.16 -2.78 26.81
C ARG G 8 -10.60 -3.15 25.42
N PHE G 9 -10.79 -2.15 24.58
CA PHE G 9 -10.89 -2.41 23.16
C PHE G 9 -9.74 -1.67 22.52
N SER G 10 -9.36 -2.08 21.32
CA SER G 10 -8.27 -1.43 20.65
C SER G 10 -8.47 -1.46 19.13
N VAL G 11 -8.31 -0.31 18.50
CA VAL G 11 -8.39 -0.23 17.04
C VAL G 11 -7.03 0.13 16.49
N ASN G 12 -6.50 -0.69 15.60
CA ASN G 12 -5.21 -0.38 15.00
C ASN G 12 -5.31 -0.36 13.47
N LEU G 13 -4.88 0.72 12.85
CA LEU G 13 -5.08 0.92 11.41
C LEU G 13 -3.84 1.45 10.74
N ASP G 14 -3.55 0.94 9.54
CA ASP G 14 -2.48 1.49 8.73
C ASP G 14 -2.93 2.77 8.02
N VAL G 15 -2.30 3.89 8.34
CA VAL G 15 -2.64 5.15 7.69
C VAL G 15 -1.42 5.84 7.09
N LYS G 16 -0.44 5.06 6.65
CA LYS G 16 0.85 5.63 6.28
C LYS G 16 0.84 6.56 5.04
N HIS G 17 -0.21 6.49 4.24
CA HIS G 17 -0.32 7.44 3.13
C HIS G 17 -1.13 8.67 3.50
N PHE G 18 -1.29 8.91 4.79
CA PHE G 18 -2.02 10.07 5.26
C PHE G 18 -1.18 10.79 6.30
N SER G 19 -1.28 12.12 6.30
CA SER G 19 -0.60 12.92 7.31
C SER G 19 -1.58 13.10 8.46
N PRO G 20 -1.08 13.43 9.67
CA PRO G 20 -1.94 13.67 10.83
C PRO G 20 -3.11 14.60 10.54
N GLU G 21 -2.87 15.66 9.77
CA GLU G 21 -3.90 16.67 9.49
C GLU G 21 -5.01 16.11 8.58
N GLU G 22 -4.68 15.05 7.84
CA GLU G 22 -5.63 14.41 6.95
C GLU G 22 -6.47 13.32 7.64
N LEU G 23 -6.22 13.08 8.93
CA LEU G 23 -6.90 12.02 9.65
C LEU G 23 -7.91 12.60 10.62
N LYS G 24 -9.05 11.94 10.74
CA LYS G 24 -10.07 12.36 11.70
C LYS G 24 -10.56 11.16 12.51
N VAL G 25 -10.54 11.29 13.84
CA VAL G 25 -11.10 10.27 14.69
C VAL G 25 -12.31 10.82 15.41
N LYS G 26 -13.48 10.29 15.07
CA LYS G 26 -14.72 10.77 15.67
C LYS G 26 -15.22 9.73 16.64
N VAL G 27 -15.57 10.19 17.83
CA VAL G 27 -16.22 9.32 18.79
C VAL G 27 -17.53 9.98 19.20
N LEU G 28 -18.63 9.41 18.71
CA LEU G 28 -19.96 9.90 19.00
C LEU G 28 -20.76 8.77 19.62
N GLY G 29 -21.09 8.90 20.89
CA GLY G 29 -21.85 7.89 21.57
C GLY G 29 -21.07 6.60 21.60
N ASP G 30 -21.67 5.52 21.12
CA ASP G 30 -21.02 4.23 21.12
C ASP G 30 -20.46 3.87 19.74
N VAL G 31 -20.27 4.88 18.92
CA VAL G 31 -19.67 4.68 17.60
C VAL G 31 -18.32 5.37 17.45
N ILE G 32 -17.34 4.61 16.97
CA ILE G 32 -16.07 5.18 16.58
C ILE G 32 -15.99 5.21 15.06
N GLU G 33 -15.68 6.37 14.52
CA GLU G 33 -15.43 6.50 13.09
C GLU G 33 -14.03 7.06 12.85
N VAL G 34 -13.28 6.42 11.96
CA VAL G 34 -11.99 6.96 11.55
C VAL G 34 -12.07 7.34 10.07
N HIS G 35 -11.79 8.59 9.77
CA HIS G 35 -11.80 9.07 8.38
C HIS G 35 -10.41 9.55 8.00
N GLY G 36 -10.01 9.27 6.78
CA GLY G 36 -8.80 9.86 6.25
C GLY G 36 -9.14 10.40 4.87
N LYS G 37 -8.62 11.56 4.54
CA LYS G 37 -8.88 12.15 3.23
C LYS G 37 -7.68 12.94 2.77
N HIS G 38 -7.15 12.57 1.63
CA HIS G 38 -6.04 13.31 1.03
C HIS G 38 -6.47 13.84 -0.32
N GLU G 39 -6.34 15.15 -0.50
CA GLU G 39 -6.75 15.79 -1.75
C GLU G 39 -5.68 16.70 -2.29
N GLU G 40 -5.50 16.62 -3.62
CA GLU G 40 -4.67 17.55 -4.37
C GLU G 40 -5.54 18.10 -5.49
N ARG G 41 -5.92 19.37 -5.35
CA ARG G 41 -6.76 20.02 -6.34
C ARG G 41 -6.01 21.19 -6.96
N GLN G 42 -4.70 21.26 -6.69
CA GLN G 42 -3.88 22.40 -7.06
C GLN G 42 -3.71 22.59 -8.58
N ASP G 43 -4.21 21.61 -9.33
CA ASP G 43 -4.23 21.67 -10.79
C ASP G 43 -5.55 22.23 -11.28
N GLU G 44 -5.50 22.99 -12.38
CA GLU G 44 -6.73 23.40 -13.05
C GLU G 44 -7.25 22.27 -13.94
N HIS G 45 -6.35 21.39 -14.38
CA HIS G 45 -6.71 20.29 -15.28
CA HIS G 45 -6.75 20.30 -15.28
C HIS G 45 -6.89 18.96 -14.56
N GLY G 46 -6.61 18.95 -13.26
CA GLY G 46 -6.58 17.67 -12.58
C GLY G 46 -6.97 17.71 -11.13
N PHE G 47 -7.03 16.53 -10.55
CA PHE G 47 -7.58 16.35 -9.22
C PHE G 47 -7.17 14.96 -8.80
N ILE G 48 -6.53 14.87 -7.63
CA ILE G 48 -6.23 13.59 -7.01
C ILE G 48 -6.89 13.57 -5.65
N SER G 49 -7.43 12.41 -5.29
CA SER G 49 -8.18 12.25 -4.06
C SER G 49 -8.06 10.81 -3.62
N ARG G 50 -7.74 10.61 -2.35
CA ARG G 50 -7.75 9.28 -1.76
C ARG G 50 -8.44 9.43 -0.43
N CYS G 51 -9.28 8.48 -0.07
CA CYS G 51 -9.85 8.52 1.26
C CYS G 51 -10.32 7.17 1.73
N PHE G 52 -10.58 7.09 3.03
CA PHE G 52 -11.09 5.88 3.64
C PHE G 52 -11.98 6.27 4.79
N HIS G 53 -12.89 5.36 5.12
CA HIS G 53 -13.76 5.51 6.26
C HIS G 53 -13.89 4.14 6.91
N ARG G 54 -13.78 4.12 8.22
CA ARG G 54 -14.03 2.89 8.98
C ARG G 54 -14.94 3.28 10.11
N LYS G 55 -15.88 2.41 10.43
CA LYS G 55 -16.69 2.65 11.61
C LYS G 55 -16.79 1.40 12.44
N TYR G 56 -16.81 1.61 13.75
CA TYR G 56 -16.84 0.50 14.70
C TYR G 56 -17.79 0.85 15.82
N ARG G 57 -18.44 -0.17 16.36
CA ARG G 57 -19.30 -0.02 17.53
C ARG G 57 -18.50 -0.30 18.81
N ILE G 58 -18.63 0.58 19.79
CA ILE G 58 -17.98 0.47 21.10
C ILE G 58 -18.86 -0.37 22.06
N PRO G 59 -18.25 -1.28 22.84
CA PRO G 59 -19.04 -2.04 23.83
C PRO G 59 -19.64 -1.09 24.86
N ALA G 60 -20.81 -1.43 25.39
CA ALA G 60 -21.52 -0.55 26.30
C ALA G 60 -20.76 -0.26 27.59
N ASP G 61 -19.83 -1.12 27.96
CA ASP G 61 -19.11 -0.89 29.22
C ASP G 61 -17.86 -0.04 29.04
N VAL G 62 -17.72 0.56 27.86
CA VAL G 62 -16.65 1.56 27.67
C VAL G 62 -17.24 2.97 27.75
N ASP G 63 -16.73 3.81 28.63
CA ASP G 63 -17.17 5.22 28.62
C ASP G 63 -16.46 5.91 27.46
N PRO G 64 -17.23 6.43 26.50
CA PRO G 64 -16.64 6.93 25.26
C PRO G 64 -15.72 8.13 25.49
N LEU G 65 -15.89 8.83 26.61
CA LEU G 65 -15.02 9.98 26.91
C LEU G 65 -13.62 9.54 27.33
N THR G 66 -13.46 8.26 27.63
CA THR G 66 -12.16 7.74 28.05
C THR G 66 -11.37 7.23 26.84
N ILE G 67 -11.96 7.31 25.67
CA ILE G 67 -11.26 6.82 24.47
C ILE G 67 -10.17 7.81 24.07
N THR G 68 -8.99 7.29 23.75
CA THR G 68 -7.91 8.13 23.22
C THR G 68 -7.32 7.51 21.97
N SER G 69 -6.53 8.31 21.27
CA SER G 69 -5.92 7.91 20.00
C SER G 69 -4.48 8.40 19.86
N SER G 70 -3.62 7.60 19.23
CA SER G 70 -2.26 8.05 18.94
C SER G 70 -1.76 7.48 17.63
N LEU G 71 -0.73 8.10 17.08
CA LEU G 71 -0.20 7.70 15.79
C LEU G 71 1.29 7.40 15.91
N SER G 72 1.71 6.25 15.42
CA SER G 72 3.12 5.88 15.54
C SER G 72 3.94 6.45 14.36
N SER G 73 5.27 6.41 14.49
CA SER G 73 6.13 6.91 13.43
C SER G 73 6.02 6.08 12.16
N ASP G 74 5.64 4.81 12.29
CA ASP G 74 5.51 3.94 11.11
C ASP G 74 4.13 3.98 10.46
N GLY G 75 3.30 4.93 10.88
CA GLY G 75 2.00 5.14 10.25
C GLY G 75 0.86 4.25 10.71
N VAL G 76 0.95 3.72 11.93
CA VAL G 76 -0.15 2.95 12.53
C VAL G 76 -0.96 3.84 13.46
N LEU G 77 -2.26 3.94 13.20
CA LEU G 77 -3.12 4.75 14.06
C LEU G 77 -3.77 3.83 15.08
N THR G 78 -3.64 4.14 16.36
CA THR G 78 -4.31 3.33 17.36
C THR G 78 -5.40 4.15 18.03
N VAL G 79 -6.56 3.53 18.23
CA VAL G 79 -7.63 4.12 19.03
C VAL G 79 -7.96 3.13 20.13
N ASN G 80 -7.94 3.55 21.38
CA ASN G 80 -8.27 2.58 22.41
C ASN G 80 -9.00 3.15 23.59
N GLY G 81 -9.55 2.25 24.41
CA GLY G 81 -10.38 2.65 25.51
C GLY G 81 -10.52 1.54 26.51
N PRO G 82 -10.54 1.89 27.79
CA PRO G 82 -10.67 0.88 28.86
C PRO G 82 -12.11 0.43 28.99
N ARG G 83 -12.30 -0.82 29.41
CA ARG G 83 -13.63 -1.28 29.80
C ARG G 83 -13.74 -1.13 31.31
N LYS G 84 -14.95 -0.91 31.80
CA LYS G 84 -15.16 -0.84 33.24
C LYS G 84 -14.63 -2.11 33.92
N GLN G 85 -13.77 -1.92 34.93
CA GLN G 85 -13.11 -3.02 35.61
C GLN G 85 -13.51 -3.18 37.07
N VAL G 86 -13.10 -4.30 37.67
CA VAL G 86 -13.26 -4.59 39.09
C VAL G 86 -14.72 -4.75 39.53
N GLU H 1 5.58 8.83 18.12
CA GLU H 1 4.33 8.65 18.84
C GLU H 1 3.67 9.98 19.13
N ARG H 2 2.62 10.30 18.38
CA ARG H 2 1.92 11.56 18.62
C ARG H 2 0.44 11.34 18.93
N THR H 3 -0.09 12.20 19.77
CA THR H 3 -1.48 12.15 20.20
C THR H 3 -2.37 12.72 19.11
N ILE H 4 -3.37 11.95 18.73
CA ILE H 4 -4.36 12.40 17.76
C ILE H 4 -5.58 12.89 18.55
N PRO H 5 -5.96 14.16 18.35
CA PRO H 5 -7.12 14.72 19.06
C PRO H 5 -8.35 13.98 18.61
N ILE H 6 -9.32 13.78 19.49
CA ILE H 6 -10.52 13.08 19.07
C ILE H 6 -11.66 14.06 18.80
N THR H 7 -12.34 13.86 17.68
CA THR H 7 -13.49 14.67 17.34
C THR H 7 -14.75 14.08 18.01
N ARG H 8 -15.52 14.93 18.66
CA ARG H 8 -16.69 14.45 19.39
C ARG H 8 -17.92 15.32 19.11
#